data_9QA0
#
_entry.id   9QA0
#
_cell.length_a   173.236
_cell.length_b   173.236
_cell.length_c   103.069
_cell.angle_alpha   90
_cell.angle_beta   90
_cell.angle_gamma   120
#
_symmetry.space_group_name_H-M   'H 3'
#
loop_
_entity.id
_entity.type
_entity.pdbx_description
1 polymer 'Angiotensin-converting enzyme'
2 polymer 'ILE-TRP dipeptide'
3 branched beta-D-mannopyranose-(1-6)-alpha-D-mannopyranose-(1-3)-[alpha-D-mannopyranose-(1-6)]beta-D-mannopyranose-(1-4)-2-acetamido-2-deoxy-beta-D-glucopyranose-(1-4)-2-acetamido-2-deoxy-beta-D-glucopyranose
4 non-polymer 'ZINC ION'
5 non-polymer 2-acetamido-2-deoxy-beta-D-glucopyranose
6 non-polymer 'CITRATE ANION'
7 water water
#
loop_
_entity_poly.entity_id
_entity_poly.type
_entity_poly.pdbx_seq_one_letter_code
_entity_poly.pdbx_strand_id
1 'polypeptide(L)'
;ALVKEEIQAKEYLENLNKELAKRTNVETEAAWAYGSNITDENEKKKNEISAELAKFMKEVASDTTKFQWRSYQSEDLKRQ
FKALTKLGYAALPEDDYAELLDTLSAMESNFAKVKVCDYKDSTKCDLALDPEIEEVISKSRDHEELAYYWREFYDKAGTA
VRSQFERYVELNTKAAKLNNFTSGAEAWLDEYEDDTFEQQLEDIFADIRPLYQQIHGYVRFRLRKHYGDAVVSETGPIPM
HLLGNMWAQQWSEIADIVSPFPEKPLVDVSAEMEKQGYTPLKMFQMGDDFFTSMNLTKLPQDFWDKSIIEKPTDGRDLVC
HASAWDFYLIDDVRIKQCTRVTQDQLFTVHHELGHIQYFLQYQHQPFVYRTGANPGFHEAVGDVLSLSVSTPKHLEKIGL
LKDYVRDDEARINQLFLTALDKIVFLPFAFTMDKYRWSLFRGEVDKANWNCAFWKLRDEYSGIEPPVVRSEKDFDAPAKY
HISADVEYLRYLVSFIIQFQFYKSACIKAGQYDPDNVELPLDNCDIYGSAAAGAAFHNMLSMGASKPWPDALEAFNGERI
MSGKAIAEYFEPLRVWLEAENIKNNVHIGWTTSNKCVS
;
A
2 'polypeptide(L)' IW B,D
#
# COMPACT_ATOMS: atom_id res chain seq x y z
N ALA A 1 21.67 20.11 37.96
CA ALA A 1 21.59 18.69 37.52
C ALA A 1 21.03 18.60 36.10
N LEU A 2 20.19 19.55 35.63
CA LEU A 2 19.28 19.27 34.53
C LEU A 2 19.84 19.75 33.19
N VAL A 3 20.61 20.85 33.28
CA VAL A 3 21.34 21.39 32.14
C VAL A 3 22.50 20.46 31.79
N LYS A 4 23.10 19.90 32.81
CA LYS A 4 24.20 18.97 32.64
C LYS A 4 23.62 17.67 32.10
N GLU A 5 22.52 17.18 32.73
CA GLU A 5 21.90 15.92 32.36
C GLU A 5 21.46 15.98 30.89
N GLU A 6 20.97 17.14 30.43
CA GLU A 6 20.53 17.26 29.05
C GLU A 6 21.71 17.08 28.06
N ILE A 7 22.85 17.69 28.38
CA ILE A 7 24.09 17.47 27.63
C ILE A 7 24.49 15.99 27.64
N GLN A 8 24.42 15.29 28.78
CA GLN A 8 24.78 13.89 28.77
C GLN A 8 23.81 13.13 27.86
N ALA A 9 22.52 13.52 27.95
CA ALA A 9 21.46 12.82 27.26
C ALA A 9 21.69 12.88 25.76
N LYS A 10 22.08 14.07 25.26
CA LYS A 10 22.38 14.18 23.84
C LYS A 10 23.45 13.17 23.43
N GLU A 11 24.52 13.02 24.20
CA GLU A 11 25.54 12.04 23.89
C GLU A 11 24.97 10.63 24.07
N TYR A 12 24.16 10.34 25.10
CA TYR A 12 23.52 9.03 25.19
C TYR A 12 22.79 8.72 23.90
N LEU A 13 22.08 9.71 23.31
CA LEU A 13 21.21 9.41 22.19
C LEU A 13 22.06 9.16 20.94
N GLU A 14 23.01 10.07 20.70
CA GLU A 14 23.90 9.96 19.56
C GLU A 14 24.45 8.55 19.48
N ASN A 15 24.99 8.10 20.60
CA ASN A 15 25.62 6.81 20.70
C ASN A 15 24.60 5.66 20.56
N LEU A 16 23.40 5.84 21.13
CA LEU A 16 22.38 4.80 21.08
C LEU A 16 21.77 4.65 19.68
N ASN A 17 21.49 5.79 19.04
CA ASN A 17 21.11 5.81 17.61
C ASN A 17 22.01 4.88 16.79
N LYS A 18 23.32 5.11 16.77
CA LYS A 18 24.25 4.23 16.06
C LYS A 18 24.09 2.74 16.42
N GLU A 19 23.94 2.43 17.69
CA GLU A 19 23.83 1.03 18.05
C GLU A 19 22.55 0.38 17.49
N LEU A 20 21.44 1.10 17.56
CA LEU A 20 20.17 0.57 17.08
C LEU A 20 20.24 0.32 15.58
N ALA A 21 20.74 1.32 14.85
CA ALA A 21 21.06 1.14 13.42
C ALA A 21 21.78 -0.18 13.18
N LYS A 22 22.88 -0.44 13.89
CA LYS A 22 23.66 -1.64 13.62
C LYS A 22 22.89 -2.91 13.97
N ARG A 23 22.18 -2.88 15.10
CA ARG A 23 21.44 -4.06 15.54
C ARG A 23 20.27 -4.30 14.59
N THR A 24 19.61 -3.23 14.14
CA THR A 24 18.53 -3.42 13.17
C THR A 24 19.05 -4.02 11.86
N ASN A 25 20.27 -3.60 11.42
CA ASN A 25 20.92 -4.12 10.22
C ASN A 25 20.94 -5.65 10.27
N VAL A 26 21.26 -6.20 11.42
CA VAL A 26 21.41 -7.63 11.50
C VAL A 26 20.05 -8.30 11.43
N GLU A 27 19.05 -7.67 12.09
CA GLU A 27 17.72 -8.24 12.11
C GLU A 27 17.15 -8.21 10.67
N THR A 28 17.35 -7.07 10.01
CA THR A 28 16.91 -6.88 8.63
C THR A 28 17.54 -7.93 7.70
N GLU A 29 18.84 -8.17 7.85
CA GLU A 29 19.54 -9.15 7.02
C GLU A 29 18.89 -10.50 7.21
N ALA A 30 18.52 -10.84 8.43
CA ALA A 30 17.97 -12.17 8.61
C ALA A 30 16.57 -12.25 7.99
N ALA A 31 15.80 -11.14 8.07
CA ALA A 31 14.42 -11.09 7.55
C ALA A 31 14.41 -11.24 6.04
N TRP A 32 15.43 -10.63 5.46
CA TRP A 32 15.65 -10.61 4.03
C TRP A 32 15.94 -12.02 3.50
N ALA A 33 16.78 -12.75 4.23
CA ALA A 33 17.20 -14.09 3.89
C ALA A 33 16.01 -15.02 3.85
N TYR A 34 15.08 -14.75 4.78
CA TYR A 34 13.92 -15.60 4.95
C TYR A 34 12.96 -15.26 3.84
N GLY A 35 12.76 -13.94 3.68
CA GLY A 35 11.69 -13.50 2.80
C GLY A 35 12.06 -13.87 1.36
N SER A 36 13.36 -13.95 1.12
CA SER A 36 13.80 -14.24 -0.22
C SER A 36 14.07 -15.74 -0.40
N ASN A 37 13.80 -16.56 0.64
CA ASN A 37 14.11 -17.99 0.65
C ASN A 37 13.48 -18.68 1.89
N ILE A 38 12.21 -19.03 1.83
CA ILE A 38 11.48 -19.46 3.01
C ILE A 38 11.88 -20.90 3.32
N THR A 39 12.43 -21.08 4.52
CA THR A 39 12.78 -22.39 5.06
C THR A 39 12.62 -22.34 6.56
N ASP A 40 12.35 -23.52 7.16
CA ASP A 40 12.40 -23.70 8.62
C ASP A 40 13.65 -23.06 9.26
N GLU A 41 14.81 -23.18 8.62
CA GLU A 41 16.07 -22.70 9.16
C GLU A 41 16.12 -21.17 9.24
N ASN A 42 15.78 -20.49 8.13
CA ASN A 42 15.88 -19.05 8.04
C ASN A 42 14.84 -18.41 8.94
N GLU A 43 13.68 -19.10 9.11
CA GLU A 43 12.58 -18.73 10.01
C GLU A 43 13.14 -18.66 11.43
N LYS A 44 13.73 -19.78 11.92
CA LYS A 44 14.35 -19.82 13.24
C LYS A 44 15.28 -18.62 13.41
N LYS A 45 16.18 -18.39 12.45
CA LYS A 45 17.21 -17.37 12.61
C LYS A 45 16.59 -15.99 12.71
N LYS A 46 15.61 -15.70 11.81
CA LYS A 46 14.98 -14.37 11.78
C LYS A 46 14.35 -14.10 13.15
N ASN A 47 13.66 -15.12 13.65
CA ASN A 47 12.85 -15.07 14.86
C ASN A 47 13.75 -14.99 16.07
N GLU A 48 14.89 -15.69 16.05
CA GLU A 48 15.80 -15.57 17.17
C GLU A 48 16.46 -14.20 17.19
N ILE A 49 16.88 -13.67 16.03
CA ILE A 49 17.51 -12.35 16.02
C ILE A 49 16.55 -11.30 16.59
N SER A 50 15.28 -11.37 16.17
CA SER A 50 14.27 -10.40 16.55
C SER A 50 14.05 -10.46 18.04
N ALA A 51 13.86 -11.68 18.57
CA ALA A 51 13.84 -11.91 20.01
C ALA A 51 14.98 -11.20 20.74
N GLU A 52 16.19 -11.13 20.16
CA GLU A 52 17.30 -10.60 20.92
C GLU A 52 17.28 -9.08 20.90
N LEU A 53 16.85 -8.57 19.75
CA LEU A 53 16.73 -7.13 19.59
C LEU A 53 15.57 -6.64 20.45
N ALA A 54 14.52 -7.46 20.58
CA ALA A 54 13.41 -7.08 21.44
C ALA A 54 13.94 -6.91 22.86
N LYS A 55 14.72 -7.91 23.33
CA LYS A 55 15.29 -7.83 24.66
C LYS A 55 16.12 -6.55 24.85
N PHE A 56 16.88 -6.11 23.84
CA PHE A 56 17.67 -4.91 24.00
C PHE A 56 16.80 -3.64 24.08
N MET A 57 15.76 -3.64 23.27
CA MET A 57 14.79 -2.55 23.20
C MET A 57 14.17 -2.35 24.60
N LYS A 58 13.86 -3.47 25.28
CA LYS A 58 13.35 -3.37 26.64
C LYS A 58 14.32 -2.66 27.56
N GLU A 59 15.63 -2.95 27.52
CA GLU A 59 16.59 -2.23 28.36
C GLU A 59 16.66 -0.75 27.97
N VAL A 60 16.56 -0.51 26.67
CA VAL A 60 16.53 0.88 26.25
C VAL A 60 15.30 1.61 26.83
N ALA A 61 14.10 1.00 26.77
CA ALA A 61 12.91 1.64 27.34
C ALA A 61 13.15 1.96 28.81
N SER A 62 13.66 0.96 29.54
CA SER A 62 13.99 1.09 30.94
C SER A 62 15.00 2.22 31.14
N ASP A 63 16.07 2.26 30.36
CA ASP A 63 17.00 3.37 30.47
C ASP A 63 16.40 4.75 30.20
N THR A 64 15.31 4.84 29.44
CA THR A 64 14.74 6.17 29.22
C THR A 64 14.21 6.73 30.53
N THR A 65 13.79 5.83 31.45
CA THR A 65 13.17 6.30 32.69
C THR A 65 14.24 6.90 33.61
N LYS A 66 15.53 6.69 33.34
CA LYS A 66 16.60 7.26 34.14
C LYS A 66 16.85 8.70 33.75
N PHE A 67 16.33 9.15 32.62
CA PHE A 67 16.58 10.54 32.24
C PHE A 67 15.30 11.32 32.45
N GLN A 68 15.42 12.55 32.97
CA GLN A 68 14.32 13.47 33.16
C GLN A 68 13.93 14.09 31.83
N TRP A 69 13.66 13.27 30.80
CA TRP A 69 13.61 13.78 29.42
C TRP A 69 12.43 14.71 29.18
N ARG A 70 11.27 14.44 29.83
CA ARG A 70 10.14 15.34 29.71
C ARG A 70 10.46 16.72 30.29
N SER A 71 11.53 16.88 31.07
CA SER A 71 11.84 18.23 31.57
C SER A 71 12.84 18.98 30.69
N TYR A 72 13.36 18.38 29.63
CA TYR A 72 14.42 18.98 28.84
C TYR A 72 13.94 20.18 28.03
N GLN A 73 14.87 21.11 27.72
CA GLN A 73 14.60 22.28 26.86
C GLN A 73 14.38 21.94 25.38
N SER A 74 15.03 20.88 24.88
CA SER A 74 15.12 20.64 23.44
C SER A 74 14.00 19.72 23.00
N GLU A 75 13.17 20.26 22.12
CA GLU A 75 12.04 19.54 21.57
C GLU A 75 12.55 18.30 20.85
N ASP A 76 13.76 18.46 20.31
CA ASP A 76 14.34 17.46 19.44
C ASP A 76 14.76 16.28 20.30
N LEU A 77 15.42 16.57 21.43
CA LEU A 77 15.81 15.48 22.31
C LEU A 77 14.57 14.81 22.88
N LYS A 78 13.57 15.61 23.25
CA LYS A 78 12.37 14.98 23.81
C LYS A 78 11.72 14.08 22.76
N ARG A 79 11.77 14.52 21.50
CA ARG A 79 11.18 13.72 20.45
C ARG A 79 11.87 12.35 20.32
N GLN A 80 13.20 12.33 20.43
CA GLN A 80 13.94 11.08 20.26
C GLN A 80 13.67 10.12 21.43
N PHE A 81 13.66 10.69 22.63
CA PHE A 81 13.34 9.86 23.80
C PHE A 81 11.93 9.30 23.73
N LYS A 82 11.01 10.14 23.27
CA LYS A 82 9.63 9.71 23.18
C LYS A 82 9.59 8.48 22.30
N ALA A 83 10.26 8.57 21.15
CA ALA A 83 10.25 7.46 20.22
C ALA A 83 10.83 6.19 20.82
N LEU A 84 11.79 6.31 21.72
CA LEU A 84 12.44 5.12 22.29
C LEU A 84 11.61 4.46 23.38
N THR A 85 10.69 5.22 23.97
CA THR A 85 9.74 4.65 24.91
C THR A 85 8.73 3.78 24.18
N LYS A 86 8.52 3.90 22.87
CA LYS A 86 7.46 3.13 22.23
C LYS A 86 7.96 1.75 21.81
N LEU A 87 7.89 0.73 22.66
CA LEU A 87 8.38 -0.60 22.34
C LEU A 87 7.58 -1.41 21.31
N GLY A 88 6.28 -1.15 21.19
CA GLY A 88 5.47 -2.07 20.39
C GLY A 88 5.52 -3.51 20.91
N TYR A 89 5.51 -4.50 19.99
CA TYR A 89 5.50 -5.89 20.41
C TYR A 89 6.65 -6.21 21.36
N ALA A 90 7.70 -5.39 21.42
CA ALA A 90 8.89 -5.73 22.17
C ALA A 90 8.63 -5.69 23.66
N ALA A 91 7.50 -5.07 24.03
CA ALA A 91 7.04 -4.99 25.39
C ALA A 91 6.53 -6.32 25.93
N LEU A 92 6.28 -7.27 25.06
CA LEU A 92 5.74 -8.56 25.44
C LEU A 92 6.76 -9.35 26.29
N PRO A 93 6.31 -10.07 27.33
CA PRO A 93 7.17 -11.08 27.90
C PRO A 93 7.79 -11.95 26.81
N GLU A 94 9.07 -12.25 27.06
CA GLU A 94 9.94 -13.05 26.24
C GLU A 94 9.20 -14.19 25.54
N ASP A 95 8.48 -15.03 26.28
CA ASP A 95 7.89 -16.21 25.65
C ASP A 95 6.76 -15.80 24.73
N ASP A 96 5.99 -14.79 25.16
CA ASP A 96 4.86 -14.26 24.42
C ASP A 96 5.36 -13.66 23.13
N TYR A 97 6.48 -12.93 23.24
CA TYR A 97 7.09 -12.35 22.05
C TYR A 97 7.47 -13.44 21.06
N ALA A 98 8.07 -14.51 21.53
CA ALA A 98 8.49 -15.58 20.62
C ALA A 98 7.26 -16.28 20.01
N GLU A 99 6.19 -16.38 20.80
CA GLU A 99 4.98 -17.02 20.33
C GLU A 99 4.37 -16.15 19.21
N LEU A 100 4.46 -14.83 19.40
CA LEU A 100 3.91 -13.89 18.43
C LEU A 100 4.70 -14.01 17.11
N LEU A 101 6.04 -14.04 17.17
CA LEU A 101 6.82 -14.22 15.96
C LEU A 101 6.46 -15.52 15.25
N ASP A 102 6.24 -16.60 16.00
CA ASP A 102 5.94 -17.89 15.38
C ASP A 102 4.58 -17.82 14.74
N THR A 103 3.64 -17.07 15.35
CA THR A 103 2.29 -16.92 14.78
C THR A 103 2.34 -16.12 13.47
N LEU A 104 3.02 -14.93 13.45
CA LEU A 104 3.24 -14.14 12.25
C LEU A 104 3.91 -14.97 11.14
N SER A 105 4.97 -15.69 11.47
CA SER A 105 5.69 -16.51 10.53
C SER A 105 4.77 -17.55 9.91
N ALA A 106 3.97 -18.23 10.73
CA ALA A 106 3.05 -19.23 10.19
C ALA A 106 2.10 -18.60 9.14
N MET A 107 1.58 -17.41 9.46
CA MET A 107 0.62 -16.77 8.59
C MET A 107 1.29 -16.34 7.29
N GLU A 108 2.44 -15.70 7.40
CA GLU A 108 3.05 -15.11 6.21
C GLU A 108 3.52 -16.23 5.30
N SER A 109 3.96 -17.34 5.86
CA SER A 109 4.50 -18.42 5.07
C SER A 109 3.37 -19.26 4.45
N ASN A 110 2.23 -19.33 5.15
CA ASN A 110 1.04 -19.92 4.56
C ASN A 110 0.63 -19.10 3.33
N PHE A 111 0.54 -17.78 3.49
CA PHE A 111 0.20 -16.96 2.34
C PHE A 111 1.15 -17.26 1.17
N ALA A 112 2.48 -17.26 1.42
CA ALA A 112 3.41 -17.31 0.31
C ALA A 112 3.48 -18.70 -0.30
N LYS A 113 3.10 -19.77 0.42
CA LYS A 113 3.15 -21.09 -0.19
C LYS A 113 1.83 -21.56 -0.78
N VAL A 114 0.84 -20.68 -0.90
CA VAL A 114 -0.41 -21.13 -1.44
C VAL A 114 -0.21 -21.62 -2.87
N LYS A 115 -0.80 -22.78 -3.18
CA LYS A 115 -0.83 -23.21 -4.56
C LYS A 115 -2.19 -23.84 -4.81
N VAL A 116 -2.76 -23.69 -6.02
CA VAL A 116 -4.05 -24.23 -6.37
C VAL A 116 -3.96 -25.08 -7.65
N CYS A 117 -4.98 -25.92 -7.87
CA CYS A 117 -5.10 -26.72 -9.08
C CYS A 117 -5.66 -25.92 -10.23
N ASP A 118 -5.15 -26.21 -11.44
CA ASP A 118 -5.69 -25.67 -12.70
C ASP A 118 -7.16 -26.04 -12.84
N TYR A 119 -7.96 -25.03 -13.18
CA TYR A 119 -9.40 -25.16 -13.42
C TYR A 119 -9.66 -26.29 -14.42
N LYS A 120 -8.82 -26.33 -15.48
CA LYS A 120 -8.94 -27.26 -16.58
C LYS A 120 -8.17 -28.55 -16.35
N ASP A 121 -7.45 -28.70 -15.24
CA ASP A 121 -6.61 -29.89 -15.11
C ASP A 121 -6.27 -30.07 -13.66
N SER A 122 -6.97 -30.96 -12.96
CA SER A 122 -6.78 -31.07 -11.53
C SER A 122 -5.55 -31.92 -11.17
N THR A 123 -4.80 -32.40 -12.17
CA THR A 123 -3.53 -33.07 -11.90
C THR A 123 -2.45 -32.00 -11.68
N LYS A 124 -2.57 -30.87 -12.39
CA LYS A 124 -1.60 -29.80 -12.38
C LYS A 124 -1.92 -28.83 -11.23
N CYS A 125 -1.22 -28.99 -10.10
CA CYS A 125 -1.56 -28.35 -8.83
C CYS A 125 -0.44 -27.44 -8.29
N ASP A 126 0.16 -26.58 -9.13
CA ASP A 126 1.27 -25.76 -8.66
C ASP A 126 1.11 -24.31 -9.16
N LEU A 127 -0.15 -23.85 -9.23
CA LEU A 127 -0.41 -22.48 -9.64
C LEU A 127 -0.30 -21.59 -8.40
N ALA A 128 0.53 -20.56 -8.49
CA ALA A 128 0.72 -19.66 -7.38
C ALA A 128 -0.05 -18.38 -7.64
N LEU A 129 -0.31 -17.61 -6.59
CA LEU A 129 -0.92 -16.31 -6.84
C LEU A 129 -0.10 -15.52 -7.87
N ASP A 130 1.21 -15.37 -7.58
CA ASP A 130 2.16 -14.66 -8.42
C ASP A 130 3.07 -15.67 -9.13
N PRO A 131 2.92 -15.87 -10.44
CA PRO A 131 2.04 -15.07 -11.30
C PRO A 131 0.70 -15.67 -11.77
N GLU A 132 0.51 -16.99 -11.64
CA GLU A 132 -0.52 -17.71 -12.38
C GLU A 132 -1.95 -17.27 -12.06
N ILE A 133 -2.34 -17.27 -10.78
CA ILE A 133 -3.71 -16.97 -10.40
C ILE A 133 -3.96 -15.48 -10.64
N GLU A 134 -2.98 -14.61 -10.40
CA GLU A 134 -3.17 -13.17 -10.59
C GLU A 134 -3.53 -12.89 -12.06
N GLU A 135 -2.98 -13.69 -12.98
CA GLU A 135 -3.11 -13.46 -14.40
C GLU A 135 -4.49 -13.93 -14.86
N VAL A 136 -4.96 -15.05 -14.33
CA VAL A 136 -6.33 -15.47 -14.57
C VAL A 136 -7.35 -14.47 -14.04
N ILE A 137 -7.30 -14.07 -12.77
CA ILE A 137 -8.21 -13.04 -12.26
C ILE A 137 -8.17 -11.76 -13.07
N SER A 138 -7.03 -11.46 -13.71
CA SER A 138 -6.93 -10.15 -14.37
C SER A 138 -7.31 -10.17 -15.87
N LYS A 139 -7.31 -11.36 -16.49
CA LYS A 139 -7.46 -11.55 -17.93
C LYS A 139 -8.75 -12.32 -18.30
N SER A 140 -9.12 -13.38 -17.55
CA SER A 140 -10.25 -14.21 -17.89
C SER A 140 -11.52 -13.42 -17.64
N ARG A 141 -12.44 -13.69 -18.58
CA ARG A 141 -13.77 -13.08 -18.63
C ARG A 141 -14.78 -14.23 -18.58
N ASP A 142 -14.32 -15.39 -18.07
CA ASP A 142 -15.19 -16.52 -17.80
C ASP A 142 -15.55 -16.45 -16.34
N HIS A 143 -16.81 -16.12 -16.04
CA HIS A 143 -17.22 -15.88 -14.66
C HIS A 143 -17.07 -17.14 -13.78
N GLU A 144 -17.21 -18.33 -14.39
CA GLU A 144 -17.17 -19.55 -13.59
C GLU A 144 -15.72 -19.91 -13.24
N GLU A 145 -14.80 -19.68 -14.20
CA GLU A 145 -13.39 -19.86 -13.96
C GLU A 145 -12.92 -18.88 -12.88
N LEU A 146 -13.37 -17.62 -12.99
CA LEU A 146 -13.01 -16.59 -12.02
C LEU A 146 -13.41 -16.99 -10.63
N ALA A 147 -14.64 -17.51 -10.52
CA ALA A 147 -15.23 -17.88 -9.25
C ALA A 147 -14.44 -19.03 -8.63
N TYR A 148 -14.07 -19.98 -9.50
CA TYR A 148 -13.31 -21.13 -9.06
C TYR A 148 -11.99 -20.67 -8.41
N TYR A 149 -11.26 -19.77 -9.07
CA TYR A 149 -9.94 -19.37 -8.60
C TYR A 149 -10.16 -18.58 -7.32
N TRP A 150 -11.24 -17.81 -7.22
CA TRP A 150 -11.48 -17.02 -6.02
C TRP A 150 -11.62 -17.97 -4.84
N ARG A 151 -12.36 -19.04 -5.02
CA ARG A 151 -12.71 -19.91 -3.91
C ARG A 151 -11.47 -20.68 -3.47
N GLU A 152 -10.73 -21.24 -4.44
CA GLU A 152 -9.51 -22.01 -4.16
C GLU A 152 -8.53 -21.12 -3.39
N PHE A 153 -8.32 -19.89 -3.86
CA PHE A 153 -7.39 -18.98 -3.19
C PHE A 153 -7.85 -18.62 -1.77
N TYR A 154 -9.11 -18.24 -1.57
CA TYR A 154 -9.50 -17.68 -0.29
C TYR A 154 -9.55 -18.80 0.73
N ASP A 155 -9.91 -20.02 0.25
CA ASP A 155 -9.96 -21.18 1.15
C ASP A 155 -8.59 -21.46 1.77
N LYS A 156 -7.51 -21.25 0.98
CA LYS A 156 -6.16 -21.61 1.39
C LYS A 156 -5.38 -20.48 2.03
N ALA A 157 -5.52 -19.27 1.52
CA ALA A 157 -4.85 -18.12 2.14
C ALA A 157 -5.58 -17.52 3.32
N GLY A 158 -6.91 -17.66 3.33
CA GLY A 158 -7.71 -17.16 4.42
C GLY A 158 -8.08 -18.24 5.44
N THR A 159 -9.01 -19.14 5.10
CA THR A 159 -9.59 -19.96 6.14
C THR A 159 -8.50 -20.71 6.90
N ALA A 160 -7.47 -21.17 6.21
CA ALA A 160 -6.48 -22.04 6.83
C ALA A 160 -5.72 -21.41 7.98
N VAL A 161 -5.76 -20.09 8.18
CA VAL A 161 -5.03 -19.53 9.32
C VAL A 161 -5.92 -18.82 10.33
N ARG A 162 -7.19 -19.21 10.46
CA ARG A 162 -8.05 -18.61 11.48
C ARG A 162 -7.42 -18.73 12.87
N SER A 163 -6.93 -19.92 13.22
CA SER A 163 -6.51 -20.14 14.61
C SER A 163 -5.35 -19.23 14.94
N GLN A 164 -4.45 -19.05 13.96
CA GLN A 164 -3.24 -18.25 14.11
C GLN A 164 -3.62 -16.77 14.17
N PHE A 165 -4.54 -16.37 13.31
CA PHE A 165 -5.01 -14.99 13.28
C PHE A 165 -5.55 -14.61 14.67
N GLU A 166 -6.31 -15.52 15.23
CA GLU A 166 -6.96 -15.30 16.50
C GLU A 166 -5.94 -15.12 17.61
N ARG A 167 -4.93 -16.00 17.62
CA ARG A 167 -3.85 -15.83 18.57
C ARG A 167 -3.13 -14.50 18.38
N TYR A 168 -2.91 -14.07 17.13
CA TYR A 168 -2.22 -12.82 16.81
C TYR A 168 -3.00 -11.63 17.38
N VAL A 169 -4.34 -11.67 17.27
CA VAL A 169 -5.16 -10.59 17.82
C VAL A 169 -4.98 -10.49 19.33
N GLU A 170 -4.96 -11.65 19.99
CA GLU A 170 -4.73 -11.72 21.44
C GLU A 170 -3.40 -11.12 21.81
N LEU A 171 -2.36 -11.49 21.05
CA LEU A 171 -1.05 -10.99 21.40
C LEU A 171 -0.89 -9.54 21.01
N ASN A 172 -1.48 -9.14 19.89
CA ASN A 172 -1.36 -7.76 19.48
C ASN A 172 -1.93 -6.87 20.57
N THR A 173 -3.10 -7.30 21.09
CA THR A 173 -3.89 -6.58 22.07
C THR A 173 -3.12 -6.47 23.38
N LYS A 174 -2.56 -7.62 23.80
CA LYS A 174 -1.75 -7.63 25.01
C LYS A 174 -0.59 -6.65 24.89
N ALA A 175 0.04 -6.69 23.72
CA ALA A 175 1.20 -5.83 23.52
C ALA A 175 0.83 -4.36 23.59
N ALA A 176 -0.29 -3.95 22.97
CA ALA A 176 -0.72 -2.56 23.01
C ALA A 176 -0.99 -2.11 24.44
N LYS A 177 -1.67 -2.97 25.20
CA LYS A 177 -2.03 -2.64 26.58
C LYS A 177 -0.74 -2.47 27.38
N LEU A 178 0.27 -3.34 27.16
CA LEU A 178 1.54 -3.12 27.87
C LEU A 178 2.15 -1.76 27.59
N ASN A 179 1.92 -1.18 26.39
CA ASN A 179 2.39 0.17 26.04
C ASN A 179 1.34 1.22 26.41
N ASN A 180 0.23 0.73 27.02
CA ASN A 180 -0.82 1.56 27.59
C ASN A 180 -1.68 2.28 26.51
N PHE A 181 -1.77 1.72 25.30
CA PHE A 181 -2.84 2.04 24.39
C PHE A 181 -4.02 1.12 24.68
N THR A 182 -5.24 1.55 24.34
CA THR A 182 -6.40 0.68 24.51
C THR A 182 -6.27 -0.64 23.73
N SER A 183 -5.84 -0.55 22.45
CA SER A 183 -5.72 -1.69 21.58
C SER A 183 -4.64 -1.42 20.54
N GLY A 184 -4.46 -2.36 19.62
CA GLY A 184 -3.55 -2.17 18.51
C GLY A 184 -3.99 -1.09 17.52
N ALA A 185 -5.28 -0.77 17.52
CA ALA A 185 -5.83 0.31 16.73
C ALA A 185 -5.20 1.61 17.11
N GLU A 186 -5.05 1.84 18.37
CA GLU A 186 -4.53 3.10 18.87
C GLU A 186 -3.02 3.04 18.77
N ALA A 187 -2.40 1.85 18.85
CA ALA A 187 -0.95 1.77 18.61
C ALA A 187 -0.61 2.18 17.17
N TRP A 188 -1.36 1.65 16.18
CA TRP A 188 -1.18 2.04 14.78
C TRP A 188 -1.45 3.53 14.56
N LEU A 189 -2.56 4.00 15.15
CA LEU A 189 -2.98 5.38 14.93
C LEU A 189 -1.98 6.38 15.51
N ASP A 190 -1.24 5.98 16.53
CA ASP A 190 -0.25 6.85 17.15
C ASP A 190 0.82 7.32 16.14
N GLU A 191 1.14 6.52 15.11
CA GLU A 191 2.05 6.91 14.05
C GLU A 191 1.64 8.22 13.34
N TYR A 192 0.34 8.63 13.40
CA TYR A 192 -0.08 9.78 12.65
C TYR A 192 -0.07 11.01 13.55
N GLU A 193 0.22 10.83 14.83
CA GLU A 193 0.42 11.93 15.76
C GLU A 193 -0.71 12.97 15.71
N ASP A 194 -1.96 12.49 15.81
CA ASP A 194 -3.11 13.38 15.67
C ASP A 194 -4.37 12.64 16.13
N ASP A 195 -4.92 13.17 17.22
CA ASP A 195 -6.11 12.68 17.93
C ASP A 195 -7.36 12.60 17.06
N THR A 196 -7.51 13.52 16.09
CA THR A 196 -8.69 13.61 15.24
C THR A 196 -8.49 12.89 13.91
N PHE A 197 -7.42 12.12 13.80
CA PHE A 197 -7.06 11.53 12.51
C PHE A 197 -8.19 10.64 12.01
N GLU A 198 -8.78 9.75 12.84
CA GLU A 198 -9.80 8.85 12.30
C GLU A 198 -10.95 9.65 11.68
N GLN A 199 -11.44 10.65 12.44
CA GLN A 199 -12.48 11.59 12.05
C GLN A 199 -12.12 12.31 10.75
N GLN A 200 -10.85 12.75 10.59
CA GLN A 200 -10.44 13.47 9.39
C GLN A 200 -10.61 12.61 8.15
N LEU A 201 -10.25 11.34 8.27
CA LEU A 201 -10.36 10.40 7.18
C LEU A 201 -11.83 10.11 6.90
N GLU A 202 -12.68 9.97 7.94
CA GLU A 202 -14.12 9.76 7.70
C GLU A 202 -14.71 10.93 6.91
N ASP A 203 -14.27 12.15 7.24
CA ASP A 203 -14.72 13.36 6.57
C ASP A 203 -14.31 13.32 5.10
N ILE A 204 -13.03 13.07 4.86
CA ILE A 204 -12.53 12.94 3.49
C ILE A 204 -13.23 11.80 2.79
N PHE A 205 -13.42 10.65 3.43
CA PHE A 205 -14.04 9.57 2.70
C PHE A 205 -15.49 9.96 2.34
N ALA A 206 -16.18 10.70 3.21
CA ALA A 206 -17.59 11.02 2.97
C ALA A 206 -17.76 11.99 1.81
N ASP A 207 -16.81 12.90 1.63
CA ASP A 207 -16.81 13.81 0.48
C ASP A 207 -16.57 13.10 -0.84
N ILE A 208 -15.88 11.96 -0.87
CA ILE A 208 -15.59 11.26 -2.13
C ILE A 208 -16.52 10.06 -2.36
N ARG A 209 -17.26 9.60 -1.32
CA ARG A 209 -18.21 8.50 -1.50
C ARG A 209 -19.10 8.74 -2.73
N PRO A 210 -19.68 9.96 -2.95
CA PRO A 210 -20.65 10.12 -4.05
C PRO A 210 -20.06 9.81 -5.41
N LEU A 211 -18.82 10.30 -5.61
CA LEU A 211 -18.12 9.96 -6.84
C LEU A 211 -17.89 8.44 -6.95
N TYR A 212 -17.47 7.79 -5.84
CA TYR A 212 -17.23 6.34 -5.79
C TYR A 212 -18.51 5.62 -6.22
N GLN A 213 -19.65 6.09 -5.71
CA GLN A 213 -20.95 5.47 -6.03
C GLN A 213 -21.32 5.63 -7.48
N GLN A 214 -20.96 6.77 -8.10
CA GLN A 214 -21.21 6.94 -9.52
C GLN A 214 -20.35 5.97 -10.32
N ILE A 215 -19.07 5.83 -9.91
CA ILE A 215 -18.20 4.90 -10.60
C ILE A 215 -18.76 3.48 -10.49
N HIS A 216 -19.04 3.06 -9.25
CA HIS A 216 -19.60 1.75 -8.94
C HIS A 216 -20.77 1.46 -9.89
N GLY A 217 -21.73 2.39 -9.90
CA GLY A 217 -22.96 2.21 -10.67
C GLY A 217 -22.73 2.00 -12.16
N TYR A 218 -21.81 2.84 -12.66
CA TYR A 218 -21.45 2.76 -14.08
C TYR A 218 -20.78 1.41 -14.36
N VAL A 219 -19.89 0.97 -13.45
CA VAL A 219 -19.19 -0.27 -13.76
C VAL A 219 -20.15 -1.45 -13.79
N ARG A 220 -21.03 -1.46 -12.78
CA ARG A 220 -22.12 -2.44 -12.69
C ARG A 220 -22.97 -2.49 -13.96
N PHE A 221 -23.46 -1.34 -14.38
CA PHE A 221 -24.09 -1.21 -15.69
C PHE A 221 -23.30 -1.91 -16.80
N ARG A 222 -21.99 -1.59 -16.92
CA ARG A 222 -21.25 -2.14 -18.04
C ARG A 222 -21.05 -3.64 -17.89
N LEU A 223 -20.89 -4.12 -16.64
CA LEU A 223 -20.66 -5.53 -16.40
C LEU A 223 -21.87 -6.36 -16.79
N ARG A 224 -23.07 -5.75 -16.61
CA ARG A 224 -24.33 -6.42 -16.94
C ARG A 224 -24.42 -6.69 -18.43
N LYS A 225 -23.99 -5.74 -19.26
CA LYS A 225 -24.00 -5.88 -20.70
C LYS A 225 -22.98 -6.89 -21.17
N HIS A 226 -21.91 -7.08 -20.36
CA HIS A 226 -20.89 -8.06 -20.68
C HIS A 226 -21.40 -9.44 -20.24
N TYR A 227 -21.71 -9.57 -18.95
CA TYR A 227 -21.89 -10.91 -18.38
C TYR A 227 -23.36 -11.36 -18.45
N GLY A 228 -24.28 -10.40 -18.54
CA GLY A 228 -25.72 -10.62 -18.46
C GLY A 228 -26.25 -10.54 -17.05
N ASP A 229 -27.59 -10.42 -16.90
CA ASP A 229 -28.29 -10.11 -15.64
C ASP A 229 -28.44 -11.34 -14.75
N ALA A 230 -28.24 -12.55 -15.31
CA ALA A 230 -28.05 -13.74 -14.48
C ALA A 230 -26.80 -13.63 -13.61
N VAL A 231 -25.72 -12.98 -14.07
CA VAL A 231 -24.46 -12.94 -13.33
C VAL A 231 -24.33 -11.70 -12.45
N VAL A 232 -24.82 -10.54 -12.93
CA VAL A 232 -24.77 -9.28 -12.20
C VAL A 232 -26.16 -8.68 -12.14
N SER A 233 -26.65 -8.39 -10.95
CA SER A 233 -27.92 -7.71 -10.80
C SER A 233 -27.72 -6.22 -10.88
N GLU A 234 -28.81 -5.51 -11.17
CA GLU A 234 -28.85 -4.07 -11.26
C GLU A 234 -28.67 -3.47 -9.88
N THR A 235 -29.30 -4.09 -8.87
CA THR A 235 -29.53 -3.40 -7.61
C THR A 235 -28.61 -3.89 -6.48
N GLY A 236 -27.96 -5.03 -6.67
CA GLY A 236 -27.13 -5.57 -5.60
C GLY A 236 -25.65 -5.20 -5.73
N PRO A 237 -24.85 -5.59 -4.71
CA PRO A 237 -23.40 -5.51 -4.77
C PRO A 237 -22.84 -6.24 -5.97
N ILE A 238 -21.72 -5.73 -6.46
CA ILE A 238 -21.09 -6.33 -7.60
C ILE A 238 -20.36 -7.56 -7.10
N PRO A 239 -20.53 -8.72 -7.79
CA PRO A 239 -19.71 -9.89 -7.55
C PRO A 239 -18.22 -9.59 -7.82
N MET A 240 -17.39 -9.78 -6.80
CA MET A 240 -16.09 -9.15 -6.78
C MET A 240 -15.13 -9.83 -7.75
N HIS A 241 -15.43 -11.07 -8.14
CA HIS A 241 -14.50 -11.84 -8.91
C HIS A 241 -14.47 -11.41 -10.35
N LEU A 242 -15.32 -10.45 -10.69
CA LEU A 242 -15.40 -9.93 -12.04
C LEU A 242 -14.69 -8.61 -12.14
N LEU A 243 -14.11 -8.14 -11.02
CA LEU A 243 -13.55 -6.79 -11.05
C LEU A 243 -12.04 -6.70 -11.36
N GLY A 244 -11.43 -7.82 -11.79
CA GLY A 244 -10.07 -7.84 -12.37
C GLY A 244 -8.92 -8.04 -11.36
N ASN A 245 -9.24 -8.31 -10.10
CA ASN A 245 -8.31 -8.34 -8.99
C ASN A 245 -8.91 -9.18 -7.86
N MET A 246 -8.06 -9.93 -7.15
CA MET A 246 -8.51 -10.98 -6.27
C MET A 246 -9.23 -10.40 -5.04
N TRP A 247 -8.94 -9.13 -4.75
CA TRP A 247 -9.53 -8.43 -3.63
C TRP A 247 -10.42 -7.26 -4.05
N ALA A 248 -10.58 -7.05 -5.37
CA ALA A 248 -11.31 -5.93 -5.95
C ALA A 248 -10.80 -4.60 -5.43
N GLN A 249 -9.51 -4.50 -5.07
CA GLN A 249 -9.01 -3.24 -4.55
C GLN A 249 -8.86 -2.15 -5.62
N GLN A 250 -8.65 -2.59 -6.87
CA GLN A 250 -8.48 -1.77 -8.07
C GLN A 250 -9.12 -2.52 -9.21
N TRP A 251 -9.71 -1.79 -10.18
CA TRP A 251 -10.52 -2.43 -11.23
C TRP A 251 -10.00 -2.18 -12.64
N SER A 252 -8.79 -1.60 -12.71
CA SER A 252 -8.26 -1.12 -13.98
C SER A 252 -8.04 -2.26 -14.95
N GLU A 253 -7.93 -3.50 -14.47
CA GLU A 253 -7.72 -4.60 -15.40
C GLU A 253 -8.99 -4.92 -16.19
N ILE A 254 -10.18 -4.46 -15.76
CA ILE A 254 -11.34 -4.70 -16.61
C ILE A 254 -11.65 -3.46 -17.42
N ALA A 255 -10.71 -2.53 -17.58
CA ALA A 255 -11.01 -1.33 -18.35
C ALA A 255 -11.45 -1.67 -19.80
N ASP A 256 -11.05 -2.83 -20.32
CA ASP A 256 -11.40 -3.14 -21.70
C ASP A 256 -12.92 -3.24 -21.83
N ILE A 257 -13.64 -3.57 -20.75
CA ILE A 257 -15.06 -3.79 -20.87
C ILE A 257 -15.91 -2.71 -20.25
N VAL A 258 -15.33 -1.76 -19.51
CA VAL A 258 -16.15 -0.77 -18.86
C VAL A 258 -15.74 0.63 -19.29
N SER A 259 -14.85 0.72 -20.29
CA SER A 259 -14.36 2.04 -20.65
C SER A 259 -15.45 2.83 -21.38
N PRO A 260 -15.56 4.09 -20.95
CA PRO A 260 -16.55 5.03 -21.46
C PRO A 260 -16.69 5.04 -22.97
N PHE A 261 -15.57 5.09 -23.69
CA PHE A 261 -15.63 5.24 -25.12
C PHE A 261 -14.81 4.14 -25.71
N PRO A 262 -15.35 2.95 -25.92
CA PRO A 262 -14.51 1.85 -26.42
C PRO A 262 -14.02 1.98 -27.86
N GLU A 263 -14.57 2.94 -28.62
CA GLU A 263 -14.10 3.21 -29.96
C GLU A 263 -12.76 3.94 -29.86
N LYS A 264 -12.54 4.65 -28.74
CA LYS A 264 -11.43 5.56 -28.54
C LYS A 264 -10.30 4.80 -27.86
N PRO A 265 -9.09 5.41 -27.81
CA PRO A 265 -7.92 4.73 -27.27
C PRO A 265 -7.95 4.53 -25.76
N LEU A 266 -7.56 3.32 -25.39
CA LEU A 266 -7.35 3.08 -23.97
C LEU A 266 -5.93 2.58 -23.78
N VAL A 267 -5.24 3.30 -22.87
CA VAL A 267 -3.81 3.16 -22.71
C VAL A 267 -3.55 1.84 -21.98
N ASP A 268 -2.87 0.94 -22.68
CA ASP A 268 -2.29 -0.26 -22.12
C ASP A 268 -0.97 -0.55 -22.87
N VAL A 269 0.18 -0.13 -22.29
CA VAL A 269 1.48 -0.31 -22.93
C VAL A 269 2.22 -1.63 -22.68
N SER A 270 1.57 -2.61 -22.03
CA SER A 270 2.25 -3.87 -21.80
C SER A 270 2.75 -4.42 -23.12
N ALA A 271 1.89 -4.46 -24.14
CA ALA A 271 2.20 -5.20 -25.37
C ALA A 271 3.40 -4.54 -26.05
N GLU A 272 3.44 -3.21 -26.07
CA GLU A 272 4.59 -2.43 -26.53
C GLU A 272 5.85 -2.61 -25.66
N MET A 273 5.71 -2.71 -24.32
CA MET A 273 6.87 -2.98 -23.50
C MET A 273 7.50 -4.28 -23.97
N GLU A 274 6.71 -5.33 -24.20
CA GLU A 274 7.22 -6.62 -24.65
C GLU A 274 7.81 -6.53 -26.06
N LYS A 275 7.17 -5.78 -26.98
CA LYS A 275 7.64 -5.65 -28.36
C LYS A 275 8.98 -4.93 -28.35
N GLN A 276 9.19 -3.92 -27.51
CA GLN A 276 10.48 -3.26 -27.48
C GLN A 276 11.55 -3.99 -26.64
N GLY A 277 11.33 -5.27 -26.26
CA GLY A 277 12.28 -6.06 -25.48
C GLY A 277 12.53 -5.63 -24.02
N TYR A 278 11.56 -5.00 -23.34
CA TYR A 278 11.82 -4.50 -21.99
C TYR A 278 12.09 -5.70 -21.09
N THR A 279 12.97 -5.48 -20.12
CA THR A 279 13.23 -6.38 -19.00
C THR A 279 12.95 -5.66 -17.68
N PRO A 280 12.90 -6.44 -16.58
CA PRO A 280 12.88 -5.87 -15.25
C PRO A 280 14.01 -4.85 -15.04
N LEU A 281 15.22 -5.20 -15.51
CA LEU A 281 16.35 -4.32 -15.33
C LEU A 281 16.14 -2.94 -15.96
N LYS A 282 15.68 -2.96 -17.22
CA LYS A 282 15.31 -1.73 -17.93
C LYS A 282 14.27 -0.92 -17.13
N MET A 283 13.25 -1.60 -16.62
CA MET A 283 12.19 -0.95 -15.84
C MET A 283 12.73 -0.25 -14.62
N PHE A 284 13.63 -0.92 -13.90
CA PHE A 284 14.24 -0.29 -12.74
C PHE A 284 15.15 0.87 -13.16
N GLN A 285 15.85 0.69 -14.29
CA GLN A 285 16.72 1.77 -14.76
C GLN A 285 15.89 2.97 -15.19
N MET A 286 14.71 2.73 -15.79
CA MET A 286 13.85 3.86 -16.13
C MET A 286 13.38 4.60 -14.88
N GLY A 287 13.06 3.82 -13.84
CA GLY A 287 12.65 4.43 -12.58
C GLY A 287 13.75 5.31 -11.98
N ASP A 288 14.96 4.73 -11.94
CA ASP A 288 16.15 5.50 -11.55
C ASP A 288 16.26 6.79 -12.33
N ASP A 289 16.13 6.67 -13.67
CA ASP A 289 16.23 7.83 -14.52
C ASP A 289 15.23 8.89 -14.09
N PHE A 290 13.98 8.46 -13.84
CA PHE A 290 12.95 9.41 -13.46
C PHE A 290 13.39 10.22 -12.26
N PHE A 291 13.92 9.54 -11.25
CA PHE A 291 14.28 10.27 -10.04
C PHE A 291 15.52 11.16 -10.31
N THR A 292 16.52 10.63 -11.03
CA THR A 292 17.72 11.44 -11.27
C THR A 292 17.38 12.60 -12.16
N SER A 293 16.38 12.44 -13.03
CA SER A 293 15.93 13.48 -13.93
C SER A 293 15.38 14.64 -13.12
N MET A 294 14.87 14.39 -11.92
CA MET A 294 14.35 15.47 -11.10
C MET A 294 15.43 15.96 -10.12
N ASN A 295 16.70 15.57 -10.33
CA ASN A 295 17.78 16.01 -9.47
C ASN A 295 17.68 15.34 -8.11
N LEU A 296 17.13 14.15 -8.05
CA LEU A 296 17.19 13.40 -6.82
C LEU A 296 18.32 12.37 -6.95
N THR A 297 18.36 11.47 -5.99
CA THR A 297 19.52 10.66 -5.78
C THR A 297 19.42 9.38 -6.59
N LYS A 298 20.57 9.07 -7.22
CA LYS A 298 20.84 7.87 -7.99
C LYS A 298 20.81 6.66 -7.08
N LEU A 299 20.24 5.57 -7.58
CA LEU A 299 20.46 4.30 -6.93
C LEU A 299 21.96 3.98 -6.77
N PRO A 300 22.37 3.64 -5.55
CA PRO A 300 23.73 3.20 -5.32
C PRO A 300 24.01 1.78 -5.78
N GLN A 301 25.28 1.45 -5.88
CA GLN A 301 25.69 0.19 -6.45
C GLN A 301 25.13 -1.01 -5.71
N ASP A 302 24.93 -0.87 -4.39
CA ASP A 302 24.50 -1.97 -3.53
C ASP A 302 23.10 -2.46 -3.89
N PHE A 303 22.31 -1.45 -4.35
CA PHE A 303 20.96 -1.63 -4.87
C PHE A 303 21.03 -2.65 -6.00
N TRP A 304 21.89 -2.36 -6.99
CA TRP A 304 21.97 -3.22 -8.15
C TRP A 304 22.61 -4.52 -7.76
N ASP A 305 23.56 -4.55 -6.82
CA ASP A 305 24.22 -5.83 -6.58
C ASP A 305 23.33 -6.81 -5.81
N LYS A 306 22.48 -6.29 -4.87
CA LYS A 306 21.82 -7.15 -3.89
C LYS A 306 20.31 -7.28 -4.06
N SER A 307 19.68 -6.39 -4.89
CA SER A 307 18.23 -6.39 -5.06
C SER A 307 17.82 -7.68 -5.75
N ILE A 308 16.57 -8.08 -5.55
CA ILE A 308 16.06 -9.21 -6.31
C ILE A 308 14.90 -8.67 -7.11
N ILE A 309 15.03 -8.60 -8.44
CA ILE A 309 14.09 -7.88 -9.28
C ILE A 309 13.46 -8.84 -10.26
N GLU A 310 13.73 -10.14 -10.16
CA GLU A 310 12.94 -11.14 -10.86
C GLU A 310 12.78 -12.44 -10.07
N LYS A 311 11.69 -13.14 -10.37
CA LYS A 311 11.28 -14.23 -9.50
C LYS A 311 12.37 -15.29 -9.70
N PRO A 312 13.09 -15.78 -8.68
CA PRO A 312 13.96 -16.96 -8.86
C PRO A 312 13.35 -18.10 -9.66
N THR A 313 14.19 -18.84 -10.39
CA THR A 313 13.78 -20.03 -11.16
C THR A 313 14.27 -21.35 -10.54
N ASP A 314 14.67 -21.39 -9.25
CA ASP A 314 15.06 -22.64 -8.61
C ASP A 314 13.88 -23.26 -7.86
N GLY A 315 12.64 -22.80 -8.10
CA GLY A 315 11.43 -23.42 -7.54
C GLY A 315 11.40 -23.41 -6.01
N ARG A 316 12.23 -22.57 -5.37
CA ARG A 316 12.14 -22.36 -3.94
C ARG A 316 10.90 -21.57 -3.57
N ASP A 317 10.60 -21.53 -2.26
CA ASP A 317 9.59 -20.67 -1.68
C ASP A 317 10.18 -19.30 -1.33
N LEU A 318 9.40 -18.24 -1.55
CA LEU A 318 9.76 -16.90 -1.12
C LEU A 318 8.48 -16.06 -1.02
N VAL A 319 8.60 -14.89 -0.41
CA VAL A 319 7.56 -13.92 -0.46
C VAL A 319 7.77 -13.15 -1.76
N CYS A 320 6.82 -13.35 -2.69
CA CYS A 320 6.79 -12.55 -3.91
C CYS A 320 6.09 -11.18 -3.81
N HIS A 321 5.48 -10.82 -2.69
CA HIS A 321 4.80 -9.54 -2.60
C HIS A 321 5.88 -8.46 -2.58
N ALA A 322 5.81 -7.51 -3.52
CA ALA A 322 6.84 -6.51 -3.75
C ALA A 322 7.16 -5.71 -2.49
N SER A 323 8.45 -5.43 -2.22
CA SER A 323 8.81 -4.67 -1.03
C SER A 323 10.11 -3.91 -1.22
N ALA A 324 10.29 -2.84 -0.40
CA ALA A 324 11.50 -2.04 -0.32
C ALA A 324 12.16 -2.13 1.07
N TRP A 325 13.49 -2.17 1.14
CA TRP A 325 14.17 -2.53 2.38
C TRP A 325 15.30 -1.55 2.67
N ASP A 326 15.30 -0.99 3.88
CA ASP A 326 16.42 -0.17 4.32
C ASP A 326 17.29 -1.04 5.22
N PHE A 327 18.62 -1.06 5.01
CA PHE A 327 19.49 -1.87 5.86
C PHE A 327 20.21 -1.05 6.92
N TYR A 328 19.99 0.26 6.93
CA TYR A 328 20.34 1.15 8.05
C TYR A 328 21.85 1.36 8.15
N LEU A 329 22.58 1.14 7.08
CA LEU A 329 23.98 1.51 7.01
C LEU A 329 24.01 2.74 6.13
N ILE A 330 24.92 2.75 5.15
CA ILE A 330 24.92 3.83 4.16
C ILE A 330 24.69 3.17 2.81
N ASP A 331 23.65 3.60 2.08
CA ASP A 331 23.56 3.20 0.67
C ASP A 331 23.28 1.72 0.52
N ASP A 332 22.95 0.98 1.59
CA ASP A 332 22.49 -0.39 1.40
C ASP A 332 20.96 -0.41 1.50
N VAL A 333 20.30 -0.29 0.32
CA VAL A 333 18.88 -0.29 0.13
C VAL A 333 18.52 -1.32 -0.93
N ARG A 334 17.37 -1.97 -0.85
CA ARG A 334 17.12 -3.04 -1.79
C ARG A 334 15.62 -3.14 -2.03
N ILE A 335 15.28 -3.74 -3.20
CA ILE A 335 13.93 -4.07 -3.57
C ILE A 335 13.91 -5.56 -3.85
N LYS A 336 12.85 -6.19 -3.37
CA LYS A 336 12.54 -7.54 -3.77
C LYS A 336 11.20 -7.46 -4.48
N GLN A 337 11.23 -7.77 -5.78
CA GLN A 337 10.05 -7.71 -6.59
C GLN A 337 10.08 -8.85 -7.60
N CYS A 338 8.99 -9.59 -7.74
CA CYS A 338 8.96 -10.64 -8.75
C CYS A 338 8.45 -10.07 -10.07
N THR A 339 9.29 -9.17 -10.63
CA THR A 339 8.93 -8.25 -11.69
C THR A 339 8.55 -8.98 -12.99
N ARG A 340 7.39 -8.56 -13.53
CA ARG A 340 6.92 -8.89 -14.86
C ARG A 340 6.77 -7.59 -15.67
N VAL A 341 6.84 -7.75 -17.00
CA VAL A 341 6.89 -6.69 -18.00
C VAL A 341 5.45 -6.32 -18.36
N THR A 342 4.85 -5.44 -17.53
CA THR A 342 3.51 -4.94 -17.79
C THR A 342 3.46 -3.49 -17.31
N GLN A 343 2.43 -2.76 -17.74
CA GLN A 343 2.18 -1.37 -17.36
C GLN A 343 2.04 -1.29 -15.84
N ASP A 344 1.29 -2.23 -15.25
CA ASP A 344 0.95 -2.11 -13.85
C ASP A 344 2.24 -2.28 -13.06
N GLN A 345 3.07 -3.27 -13.48
CA GLN A 345 4.37 -3.52 -12.85
C GLN A 345 5.34 -2.32 -12.99
N LEU A 346 5.32 -1.59 -14.11
CA LEU A 346 6.12 -0.41 -14.22
C LEU A 346 5.74 0.61 -13.16
N PHE A 347 4.48 0.68 -12.78
CA PHE A 347 4.08 1.65 -11.76
C PHE A 347 4.54 1.14 -10.40
N THR A 348 4.44 -0.16 -10.20
CA THR A 348 4.90 -0.73 -8.96
C THR A 348 6.41 -0.47 -8.74
N VAL A 349 7.18 -0.51 -9.83
CA VAL A 349 8.61 -0.28 -9.75
C VAL A 349 8.85 1.14 -9.27
N HIS A 350 8.10 2.11 -9.82
CA HIS A 350 8.16 3.48 -9.33
C HIS A 350 7.69 3.56 -7.89
N HIS A 351 6.71 2.73 -7.49
CA HIS A 351 6.17 2.83 -6.16
C HIS A 351 7.28 2.48 -5.15
N GLU A 352 7.91 1.31 -5.42
CA GLU A 352 8.92 0.76 -4.51
C GLU A 352 10.15 1.68 -4.45
N LEU A 353 10.49 2.29 -5.60
CA LEU A 353 11.67 3.09 -5.78
C LEU A 353 11.44 4.39 -5.03
N GLY A 354 10.16 4.72 -4.79
CA GLY A 354 9.81 5.89 -3.96
C GLY A 354 10.23 5.65 -2.50
N HIS A 355 10.14 4.38 -2.03
CA HIS A 355 10.56 4.06 -0.69
C HIS A 355 12.07 4.19 -0.62
N ILE A 356 12.77 3.53 -1.57
CA ILE A 356 14.21 3.59 -1.68
C ILE A 356 14.64 5.08 -1.66
N GLN A 357 14.01 5.97 -2.40
CA GLN A 357 14.48 7.34 -2.43
C GLN A 357 14.34 7.96 -1.05
N TYR A 358 13.26 7.61 -0.35
CA TYR A 358 13.00 8.15 0.98
C TYR A 358 14.14 7.73 1.92
N PHE A 359 14.51 6.43 1.88
CA PHE A 359 15.60 5.87 2.64
C PHE A 359 16.90 6.66 2.45
N LEU A 360 17.25 6.87 1.19
CA LEU A 360 18.50 7.52 0.84
C LEU A 360 18.38 8.95 1.32
N GLN A 361 17.21 9.55 1.26
CA GLN A 361 17.12 10.99 1.55
C GLN A 361 17.26 11.29 3.03
N TYR A 362 16.99 10.30 3.89
CA TYR A 362 16.97 10.57 5.32
C TYR A 362 18.07 9.76 6.04
N GLN A 363 18.93 9.08 5.29
CA GLN A 363 19.91 8.22 5.91
C GLN A 363 20.96 8.94 6.75
N HIS A 364 21.10 10.26 6.60
CA HIS A 364 21.94 11.00 7.51
C HIS A 364 21.30 11.29 8.87
N GLN A 365 20.01 11.08 9.01
CA GLN A 365 19.30 11.46 10.21
C GLN A 365 19.62 10.45 11.29
N PRO A 366 19.45 10.80 12.58
CA PRO A 366 19.48 9.79 13.63
C PRO A 366 18.51 8.64 13.39
N PHE A 367 18.84 7.47 13.91
CA PHE A 367 18.10 6.26 13.62
C PHE A 367 16.60 6.45 13.83
N VAL A 368 16.17 6.98 14.97
CA VAL A 368 14.73 7.06 15.26
C VAL A 368 14.01 7.94 14.25
N TYR A 369 14.71 8.87 13.58
CA TYR A 369 14.14 9.71 12.55
C TYR A 369 14.23 9.14 11.12
N ARG A 370 14.74 7.91 10.94
CA ARG A 370 14.93 7.30 9.63
C ARG A 370 13.71 6.44 9.30
N THR A 371 12.59 7.16 9.13
CA THR A 371 11.33 6.59 8.65
C THR A 371 10.51 7.75 8.11
N GLY A 372 9.31 7.45 7.66
CA GLY A 372 8.47 8.48 7.01
C GLY A 372 7.91 9.50 8.00
N ALA A 373 7.53 10.69 7.52
CA ALA A 373 6.91 11.64 8.42
C ALA A 373 5.66 11.04 9.08
N ASN A 374 4.86 10.34 8.29
CA ASN A 374 3.91 9.36 8.78
C ASN A 374 3.90 8.25 7.74
N PRO A 375 3.34 7.07 8.04
CA PRO A 375 3.43 5.95 7.09
C PRO A 375 2.83 6.21 5.71
N GLY A 376 1.86 7.14 5.63
CA GLY A 376 1.21 7.43 4.37
C GLY A 376 2.17 8.20 3.49
N PHE A 377 3.02 9.00 4.13
CA PHE A 377 4.01 9.75 3.35
C PHE A 377 4.95 8.80 2.65
N HIS A 378 5.37 7.76 3.34
CA HIS A 378 6.27 6.83 2.70
C HIS A 378 5.64 6.21 1.46
N GLU A 379 4.36 5.84 1.52
CA GLU A 379 3.73 5.08 0.42
C GLU A 379 3.36 5.97 -0.77
N ALA A 380 3.37 7.30 -0.53
CA ALA A 380 2.90 8.22 -1.52
C ALA A 380 4.01 8.56 -2.48
N VAL A 381 5.26 8.43 -2.04
CA VAL A 381 6.32 9.10 -2.76
C VAL A 381 6.34 8.63 -4.21
N GLY A 382 6.41 7.31 -4.40
CA GLY A 382 6.62 6.71 -5.70
C GLY A 382 5.39 6.84 -6.57
N ASP A 383 4.25 6.94 -5.91
CA ASP A 383 2.99 7.03 -6.60
C ASP A 383 2.88 8.40 -7.27
N VAL A 384 3.50 9.45 -6.68
CA VAL A 384 3.47 10.74 -7.35
C VAL A 384 4.14 10.65 -8.70
N LEU A 385 5.23 9.89 -8.79
CA LEU A 385 5.89 9.70 -10.06
C LEU A 385 5.02 8.83 -10.96
N SER A 386 4.41 7.76 -10.43
CA SER A 386 3.59 6.84 -11.22
C SER A 386 2.42 7.59 -11.88
N LEU A 387 1.91 8.62 -11.20
CA LEU A 387 0.85 9.44 -11.73
C LEU A 387 1.31 10.07 -13.06
N SER A 388 2.58 10.53 -13.09
CA SER A 388 3.24 11.11 -14.27
C SER A 388 3.54 10.04 -15.31
N VAL A 389 4.13 8.94 -14.88
CA VAL A 389 4.49 7.93 -15.86
C VAL A 389 3.26 7.48 -16.66
N SER A 390 2.12 7.44 -16.00
CA SER A 390 0.92 6.87 -16.57
C SER A 390 0.27 7.85 -17.56
N THR A 391 0.66 9.13 -17.51
CA THR A 391 0.11 10.09 -18.45
C THR A 391 0.48 9.70 -19.88
N PRO A 392 -0.44 9.97 -20.85
CA PRO A 392 -0.17 9.79 -22.26
C PRO A 392 1.04 10.61 -22.71
N LYS A 393 1.07 11.86 -22.23
CA LYS A 393 2.21 12.73 -22.40
C LYS A 393 3.53 11.96 -22.23
N HIS A 394 3.73 11.44 -21.00
CA HIS A 394 4.94 10.73 -20.67
C HIS A 394 5.07 9.46 -21.50
N LEU A 395 3.97 8.78 -21.75
CA LEU A 395 4.13 7.47 -22.39
C LEU A 395 4.44 7.63 -23.88
N GLU A 396 4.10 8.77 -24.51
CA GLU A 396 4.51 9.02 -25.89
C GLU A 396 6.02 9.33 -25.94
N LYS A 397 6.50 10.21 -25.03
CA LYS A 397 7.88 10.56 -24.87
C LYS A 397 8.76 9.32 -24.76
N ILE A 398 8.33 8.26 -24.12
CA ILE A 398 9.25 7.13 -23.99
C ILE A 398 8.91 6.08 -25.02
N GLY A 399 8.00 6.40 -25.96
CA GLY A 399 7.78 5.54 -27.10
C GLY A 399 6.93 4.31 -26.79
N LEU A 400 6.07 4.32 -25.75
CA LEU A 400 5.29 3.13 -25.39
C LEU A 400 3.84 3.25 -25.88
N LEU A 401 3.44 4.49 -26.16
CA LEU A 401 2.13 4.84 -26.65
C LEU A 401 2.21 5.46 -28.03
N LYS A 402 1.75 4.70 -29.03
CA LYS A 402 1.93 5.04 -30.44
C LYS A 402 0.56 5.49 -31.02
N ASP A 403 0.52 6.59 -31.79
CA ASP A 403 -0.65 6.96 -32.59
C ASP A 403 -1.85 7.42 -31.73
N TYR A 404 -1.59 8.07 -30.59
CA TYR A 404 -2.63 8.44 -29.65
C TYR A 404 -3.11 9.83 -30.05
N VAL A 405 -4.43 10.04 -30.25
CA VAL A 405 -5.00 11.38 -30.36
C VAL A 405 -5.61 11.77 -29.03
N ARG A 406 -5.34 13.00 -28.58
CA ARG A 406 -5.85 13.43 -27.29
C ARG A 406 -7.11 14.26 -27.48
N ASP A 407 -8.16 13.58 -27.95
CA ASP A 407 -9.50 14.18 -27.89
C ASP A 407 -10.13 14.04 -26.51
N ASP A 408 -11.27 14.68 -26.39
CA ASP A 408 -12.09 14.74 -25.19
C ASP A 408 -12.48 13.33 -24.73
N GLU A 409 -12.75 12.45 -25.66
CA GLU A 409 -13.21 11.12 -25.35
C GLU A 409 -12.03 10.31 -24.80
N ALA A 410 -10.84 10.47 -25.38
CA ALA A 410 -9.71 9.74 -24.85
C ALA A 410 -9.31 10.29 -23.46
N ARG A 411 -9.55 11.58 -23.19
CA ARG A 411 -9.24 12.13 -21.89
C ARG A 411 -10.13 11.45 -20.84
N ILE A 412 -11.39 11.25 -21.21
CA ILE A 412 -12.36 10.66 -20.33
C ILE A 412 -11.95 9.22 -20.08
N ASN A 413 -11.65 8.49 -21.15
CA ASN A 413 -11.12 7.15 -20.96
C ASN A 413 -9.94 7.11 -19.98
N GLN A 414 -9.01 8.06 -20.08
CA GLN A 414 -7.79 8.01 -19.28
C GLN A 414 -8.18 8.32 -17.83
N LEU A 415 -8.97 9.39 -17.64
CA LEU A 415 -9.48 9.76 -16.35
C LEU A 415 -10.19 8.59 -15.67
N PHE A 416 -11.02 7.88 -16.37
CA PHE A 416 -11.75 6.82 -15.73
C PHE A 416 -10.81 5.68 -15.36
N LEU A 417 -9.89 5.31 -16.25
CA LEU A 417 -8.91 4.28 -15.98
C LEU A 417 -8.16 4.63 -14.70
N THR A 418 -7.82 5.91 -14.50
CA THR A 418 -7.16 6.30 -13.28
C THR A 418 -8.06 6.13 -12.05
N ALA A 419 -9.29 6.58 -12.17
CA ALA A 419 -10.31 6.42 -11.13
C ALA A 419 -10.51 4.96 -10.70
N LEU A 420 -10.45 4.02 -11.65
CA LEU A 420 -10.54 2.60 -11.35
C LEU A 420 -9.43 2.12 -10.43
N ASP A 421 -8.27 2.81 -10.48
CA ASP A 421 -7.13 2.46 -9.63
C ASP A 421 -7.16 3.31 -8.36
N LYS A 422 -7.61 4.58 -8.42
CA LYS A 422 -7.36 5.55 -7.35
C LYS A 422 -8.62 5.87 -6.52
N ILE A 423 -9.80 6.03 -7.11
CA ILE A 423 -10.98 6.28 -6.28
C ILE A 423 -11.46 4.96 -5.68
N VAL A 424 -11.57 3.94 -6.52
CA VAL A 424 -12.05 2.63 -6.08
C VAL A 424 -11.35 2.08 -4.84
N PHE A 425 -10.05 2.31 -4.79
CA PHE A 425 -9.17 1.80 -3.75
C PHE A 425 -9.51 2.43 -2.40
N LEU A 426 -10.05 3.65 -2.40
CA LEU A 426 -10.11 4.32 -1.10
C LEU A 426 -11.00 3.52 -0.10
N PRO A 427 -12.24 3.14 -0.45
CA PRO A 427 -13.06 2.38 0.45
C PRO A 427 -12.42 1.04 0.82
N PHE A 428 -11.76 0.45 -0.16
CA PHE A 428 -11.15 -0.86 0.06
C PHE A 428 -10.10 -0.69 1.15
N ALA A 429 -9.25 0.34 0.99
CA ALA A 429 -8.17 0.52 1.95
C ALA A 429 -8.72 0.89 3.31
N PHE A 430 -9.81 1.66 3.33
CA PHE A 430 -10.35 2.04 4.63
C PHE A 430 -10.84 0.79 5.37
N THR A 431 -11.44 -0.16 4.65
CA THR A 431 -12.06 -1.31 5.29
C THR A 431 -11.04 -2.24 5.90
N MET A 432 -9.88 -2.36 5.26
CA MET A 432 -8.86 -3.30 5.72
C MET A 432 -8.46 -2.89 7.13
N ASP A 433 -8.30 -1.58 7.45
CA ASP A 433 -8.00 -1.20 8.82
C ASP A 433 -9.25 -1.11 9.70
N LYS A 434 -10.41 -0.76 9.13
CA LYS A 434 -11.60 -0.78 9.96
C LYS A 434 -11.89 -2.17 10.50
N TYR A 435 -11.80 -3.18 9.64
CA TYR A 435 -12.03 -4.53 10.10
C TYR A 435 -11.10 -4.81 11.26
N ARG A 436 -9.79 -4.57 11.06
CA ARG A 436 -8.79 -4.99 12.04
C ARG A 436 -8.92 -4.18 13.31
N TRP A 437 -9.10 -2.86 13.19
CA TRP A 437 -9.39 -2.09 14.39
C TRP A 437 -10.57 -2.69 15.17
N SER A 438 -11.62 -3.09 14.49
CA SER A 438 -12.80 -3.54 15.21
C SER A 438 -12.49 -4.84 15.94
N LEU A 439 -11.52 -5.63 15.49
CA LEU A 439 -11.19 -6.86 16.24
C LEU A 439 -10.25 -6.56 17.39
N PHE A 440 -9.24 -5.72 17.09
CA PHE A 440 -8.33 -5.22 18.10
C PHE A 440 -9.04 -4.58 19.30
N ARG A 441 -10.03 -3.73 19.03
CA ARG A 441 -10.77 -3.02 20.07
C ARG A 441 -11.75 -3.93 20.82
N GLY A 442 -12.00 -5.16 20.37
CA GLY A 442 -12.92 -6.04 21.07
C GLY A 442 -14.38 -5.80 20.69
N GLU A 443 -14.65 -5.27 19.50
CA GLU A 443 -15.97 -4.77 19.17
C GLU A 443 -16.79 -5.85 18.49
N VAL A 444 -16.17 -6.95 18.12
CA VAL A 444 -16.82 -7.96 17.34
C VAL A 444 -16.48 -9.27 18.03
N ASP A 445 -17.50 -10.04 18.22
CA ASP A 445 -17.43 -11.37 18.78
C ASP A 445 -16.88 -12.41 17.79
N LYS A 446 -16.04 -13.34 18.28
CA LYS A 446 -15.38 -14.36 17.48
C LYS A 446 -16.35 -15.14 16.59
N ALA A 447 -17.56 -15.32 17.11
CA ALA A 447 -18.62 -15.98 16.36
C ALA A 447 -18.99 -15.25 15.06
N ASN A 448 -18.74 -13.94 14.99
CA ASN A 448 -19.13 -13.10 13.85
C ASN A 448 -17.98 -12.45 13.04
N TRP A 449 -16.75 -12.95 13.18
CA TRP A 449 -15.59 -12.31 12.61
C TRP A 449 -15.55 -12.39 11.09
N ASN A 450 -15.98 -13.48 10.46
CA ASN A 450 -15.94 -13.52 9.02
C ASN A 450 -17.01 -12.63 8.40
N CYS A 451 -18.23 -12.63 8.95
CA CYS A 451 -19.32 -11.87 8.33
C CYS A 451 -19.11 -10.38 8.63
N ALA A 452 -18.38 -10.03 9.69
CA ALA A 452 -18.11 -8.62 9.96
C ALA A 452 -17.14 -8.05 8.91
N PHE A 453 -16.28 -8.92 8.36
CA PHE A 453 -15.43 -8.56 7.22
C PHE A 453 -16.29 -8.20 6.01
N TRP A 454 -17.06 -9.16 5.53
CA TRP A 454 -17.79 -8.95 4.31
C TRP A 454 -18.86 -7.90 4.50
N LYS A 455 -19.27 -7.69 5.74
CA LYS A 455 -20.21 -6.62 6.03
C LYS A 455 -19.56 -5.27 5.71
N LEU A 456 -18.35 -5.00 6.20
CA LEU A 456 -17.64 -3.77 5.87
C LEU A 456 -17.42 -3.58 4.38
N ARG A 457 -17.06 -4.68 3.73
CA ARG A 457 -16.75 -4.63 2.32
C ARG A 457 -18.01 -4.25 1.53
N ASP A 458 -19.19 -4.77 1.96
CA ASP A 458 -20.46 -4.40 1.34
C ASP A 458 -20.72 -2.90 1.60
N GLU A 459 -20.72 -2.50 2.86
CA GLU A 459 -21.15 -1.17 3.26
C GLU A 459 -20.28 -0.12 2.57
N TYR A 460 -18.96 -0.35 2.47
CA TYR A 460 -18.02 0.68 1.98
C TYR A 460 -17.80 0.58 0.46
N SER A 461 -17.67 -0.64 -0.10
CA SER A 461 -17.27 -0.79 -1.48
C SER A 461 -18.38 -1.28 -2.36
N GLY A 462 -19.37 -1.92 -1.77
CA GLY A 462 -20.51 -2.35 -2.56
C GLY A 462 -20.17 -3.53 -3.42
N ILE A 463 -19.29 -4.38 -2.88
CA ILE A 463 -18.93 -5.63 -3.52
C ILE A 463 -19.27 -6.80 -2.59
N GLU A 464 -19.20 -8.02 -3.16
CA GLU A 464 -19.38 -9.18 -2.32
C GLU A 464 -18.75 -10.38 -3.00
N PRO A 465 -18.51 -11.46 -2.24
CA PRO A 465 -17.98 -12.68 -2.80
C PRO A 465 -18.80 -13.29 -3.90
N PRO A 466 -18.17 -14.14 -4.72
CA PRO A 466 -18.90 -14.79 -5.79
C PRO A 466 -19.80 -15.94 -5.34
N VAL A 467 -19.56 -16.38 -4.12
CA VAL A 467 -20.24 -17.52 -3.55
C VAL A 467 -20.56 -17.20 -2.11
N VAL A 468 -21.46 -18.05 -1.58
CA VAL A 468 -21.90 -17.88 -0.22
C VAL A 468 -20.79 -18.35 0.72
N ARG A 469 -20.49 -17.48 1.68
CA ARG A 469 -19.54 -17.72 2.74
C ARG A 469 -20.27 -17.71 4.06
N SER A 470 -19.56 -18.20 5.07
CA SER A 470 -20.18 -18.31 6.35
C SER A 470 -19.10 -18.13 7.38
N GLU A 471 -19.45 -18.35 8.64
CA GLU A 471 -18.44 -18.30 9.69
C GLU A 471 -17.60 -19.57 9.70
N LYS A 472 -17.83 -20.50 8.76
CA LYS A 472 -16.89 -21.62 8.61
C LYS A 472 -15.70 -21.23 7.73
N ASP A 473 -15.69 -20.01 7.20
CA ASP A 473 -14.64 -19.57 6.29
C ASP A 473 -14.02 -18.42 7.05
N PHE A 474 -12.79 -18.04 6.69
CA PHE A 474 -12.19 -16.88 7.31
C PHE A 474 -11.33 -16.19 6.28
N ASP A 475 -11.87 -15.10 5.74
CA ASP A 475 -11.47 -14.61 4.43
C ASP A 475 -10.44 -13.47 4.51
N ALA A 476 -10.38 -12.75 5.63
CA ALA A 476 -9.56 -11.55 5.71
C ALA A 476 -8.07 -11.83 5.47
N PRO A 477 -7.48 -12.93 5.97
CA PRO A 477 -6.06 -13.20 5.75
C PRO A 477 -5.68 -13.56 4.33
N ALA A 478 -6.68 -13.70 3.46
CA ALA A 478 -6.40 -13.92 2.03
C ALA A 478 -5.78 -12.68 1.41
N LYS A 479 -5.70 -11.60 2.15
CA LYS A 479 -5.02 -10.40 1.70
C LYS A 479 -3.63 -10.34 2.36
N TYR A 480 -2.57 -10.15 1.55
CA TYR A 480 -1.22 -10.24 2.04
C TYR A 480 -1.03 -9.51 3.36
N HIS A 481 -1.44 -8.22 3.41
CA HIS A 481 -1.04 -7.38 4.52
C HIS A 481 -1.70 -7.79 5.83
N ILE A 482 -2.78 -8.56 5.69
CA ILE A 482 -3.52 -9.01 6.85
C ILE A 482 -2.82 -10.22 7.41
N SER A 483 -2.45 -11.13 6.50
CA SER A 483 -1.63 -12.26 6.86
C SER A 483 -0.28 -11.82 7.42
N ALA A 484 0.25 -10.63 7.10
CA ALA A 484 1.61 -10.29 7.46
C ALA A 484 1.72 -9.13 8.43
N ASP A 485 0.58 -8.65 8.85
CA ASP A 485 0.60 -7.70 9.97
C ASP A 485 1.24 -6.40 9.50
N VAL A 486 0.77 -5.92 8.34
CA VAL A 486 1.09 -4.63 7.79
C VAL A 486 -0.15 -3.73 7.85
N GLU A 487 -0.01 -2.66 8.62
CA GLU A 487 -1.01 -1.63 8.76
C GLU A 487 -1.32 -1.21 7.34
N TYR A 488 -2.59 -0.94 7.08
CA TYR A 488 -3.03 -0.62 5.74
C TYR A 488 -3.49 0.82 5.58
N LEU A 489 -3.75 1.51 6.70
CA LEU A 489 -4.21 2.88 6.58
C LEU A 489 -3.20 3.76 5.83
N ARG A 490 -1.92 3.43 5.95
CA ARG A 490 -0.87 4.13 5.23
C ARG A 490 -1.30 4.28 3.78
N TYR A 491 -1.96 3.26 3.20
CA TYR A 491 -2.23 3.30 1.78
C TYR A 491 -3.45 4.20 1.53
N LEU A 492 -4.38 4.28 2.50
CA LEU A 492 -5.46 5.23 2.39
C LEU A 492 -4.88 6.64 2.46
N VAL A 493 -4.00 6.88 3.39
CA VAL A 493 -3.49 8.23 3.54
C VAL A 493 -2.71 8.57 2.23
N SER A 494 -1.96 7.61 1.72
CA SER A 494 -1.13 7.83 0.53
C SER A 494 -2.02 8.25 -0.63
N PHE A 495 -3.11 7.51 -0.92
CA PHE A 495 -3.95 7.81 -2.08
C PHE A 495 -4.64 9.18 -1.92
N ILE A 496 -4.76 9.75 -0.72
CA ILE A 496 -5.24 11.12 -0.62
C ILE A 496 -4.10 12.13 -0.80
N ILE A 497 -2.97 11.96 -0.07
CA ILE A 497 -1.96 13.01 -0.01
C ILE A 497 -1.13 13.01 -1.30
N GLN A 498 -1.05 11.88 -1.99
CA GLN A 498 -0.28 11.86 -3.21
C GLN A 498 -0.86 12.84 -4.23
N PHE A 499 -2.15 13.15 -4.18
CA PHE A 499 -2.73 14.12 -5.09
C PHE A 499 -2.30 15.52 -4.64
N GLN A 500 -2.05 15.71 -3.34
CA GLN A 500 -1.62 17.03 -2.88
C GLN A 500 -0.18 17.28 -3.34
N PHE A 501 0.65 16.23 -3.34
CA PHE A 501 2.04 16.34 -3.70
C PHE A 501 2.16 16.52 -5.21
N TYR A 502 1.38 15.71 -5.94
CA TYR A 502 1.38 15.75 -7.38
C TYR A 502 0.90 17.12 -7.87
N LYS A 503 -0.20 17.58 -7.32
CA LYS A 503 -0.70 18.84 -7.79
C LYS A 503 0.37 19.92 -7.60
N SER A 504 0.93 19.98 -6.39
CA SER A 504 1.98 20.95 -6.02
C SER A 504 3.24 20.79 -6.86
N ALA A 505 3.66 19.56 -7.13
CA ALA A 505 4.81 19.27 -7.95
C ALA A 505 4.57 19.70 -9.41
N CYS A 506 3.41 19.35 -9.97
CA CYS A 506 2.92 19.84 -11.25
C CYS A 506 2.96 21.38 -11.32
N ILE A 507 2.47 22.10 -10.33
CA ILE A 507 2.53 23.57 -10.37
C ILE A 507 3.99 24.04 -10.44
N LYS A 508 4.85 23.49 -9.58
CA LYS A 508 6.26 23.84 -9.57
C LYS A 508 6.97 23.53 -10.90
N ALA A 509 6.52 22.48 -11.58
CA ALA A 509 7.16 22.06 -12.81
C ALA A 509 6.70 22.91 -14.01
N GLY A 510 5.71 23.80 -13.84
CA GLY A 510 5.12 24.52 -14.96
C GLY A 510 4.05 23.75 -15.73
N GLN A 511 3.66 22.57 -15.27
CA GLN A 511 2.85 21.65 -16.04
C GLN A 511 1.37 21.68 -15.68
N TYR A 512 0.97 22.54 -14.74
CA TYR A 512 -0.41 22.68 -14.36
C TYR A 512 -0.74 24.11 -13.98
N ASP A 513 -1.77 24.63 -14.66
CA ASP A 513 -2.42 25.90 -14.43
C ASP A 513 -3.90 25.56 -14.54
N PRO A 514 -4.72 25.80 -13.47
CA PRO A 514 -6.18 25.64 -13.53
C PRO A 514 -6.82 26.36 -14.71
N ASP A 515 -6.32 27.57 -15.04
CA ASP A 515 -6.98 28.50 -15.95
C ASP A 515 -6.39 28.32 -17.34
N ASN A 516 -6.17 27.08 -17.77
CA ASN A 516 -5.41 26.83 -18.98
C ASN A 516 -5.49 25.36 -19.37
N VAL A 517 -6.28 25.15 -20.44
CA VAL A 517 -6.76 23.85 -20.90
C VAL A 517 -5.64 23.03 -21.55
N GLU A 518 -4.47 23.65 -21.73
CA GLU A 518 -3.30 22.99 -22.31
C GLU A 518 -2.50 22.30 -21.20
N LEU A 519 -2.71 22.72 -19.92
CA LEU A 519 -2.03 22.18 -18.74
C LEU A 519 -3.04 21.67 -17.71
N PRO A 520 -3.83 20.61 -18.05
CA PRO A 520 -4.77 20.01 -17.11
C PRO A 520 -4.02 19.10 -16.15
N LEU A 521 -4.49 19.02 -14.90
CA LEU A 521 -3.75 18.26 -13.89
C LEU A 521 -3.48 16.83 -14.33
N ASP A 522 -4.39 16.24 -15.09
CA ASP A 522 -4.26 14.83 -15.44
C ASP A 522 -3.37 14.55 -16.67
N ASN A 523 -2.73 15.58 -17.26
CA ASN A 523 -1.70 15.24 -18.24
C ASN A 523 -0.34 15.79 -17.80
N CYS A 524 -0.14 16.01 -16.50
CA CYS A 524 1.10 16.58 -16.00
C CYS A 524 2.20 15.54 -15.89
N ASP A 525 3.36 15.91 -16.47
CA ASP A 525 4.58 15.12 -16.40
C ASP A 525 5.64 15.92 -15.67
N ILE A 526 6.18 15.40 -14.58
CA ILE A 526 7.18 16.10 -13.79
C ILE A 526 8.57 15.50 -14.09
N TYR A 527 8.69 14.55 -15.05
CA TYR A 527 9.99 14.09 -15.54
C TYR A 527 10.87 15.30 -15.83
N GLY A 528 12.06 15.33 -15.24
CA GLY A 528 12.99 16.38 -15.60
C GLY A 528 12.85 17.63 -14.75
N SER A 529 11.84 17.69 -13.87
CA SER A 529 11.63 18.93 -13.12
C SER A 529 12.45 18.95 -11.82
N ALA A 530 13.54 19.70 -11.86
CA ALA A 530 14.34 19.96 -10.69
C ALA A 530 13.55 20.80 -9.69
N ALA A 531 12.53 21.53 -10.12
CA ALA A 531 11.73 22.30 -9.18
C ALA A 531 10.90 21.38 -8.27
N ALA A 532 10.33 20.31 -8.88
CA ALA A 532 9.61 19.25 -8.17
C ALA A 532 10.55 18.47 -7.26
N GLY A 533 11.75 18.16 -7.79
CA GLY A 533 12.76 17.39 -7.06
C GLY A 533 13.18 18.08 -5.76
N ALA A 534 13.30 19.42 -5.82
CA ALA A 534 13.71 20.22 -4.68
C ALA A 534 12.69 20.12 -3.55
N ALA A 535 11.39 20.25 -3.87
CA ALA A 535 10.33 20.06 -2.88
C ALA A 535 10.41 18.67 -2.21
N PHE A 536 10.48 17.60 -3.02
CA PHE A 536 10.76 16.27 -2.54
C PHE A 536 11.96 16.27 -1.58
N HIS A 537 13.08 16.87 -1.97
CA HIS A 537 14.28 16.78 -1.15
C HIS A 537 14.02 17.43 0.21
N ASN A 538 13.39 18.61 0.14
CA ASN A 538 13.17 19.37 1.36
C ASN A 538 12.31 18.56 2.33
N MET A 539 11.42 17.71 1.80
CA MET A 539 10.48 17.06 2.69
C MET A 539 11.04 15.71 3.09
N LEU A 540 11.51 14.92 2.13
CA LEU A 540 12.00 13.57 2.43
C LEU A 540 13.23 13.57 3.35
N SER A 541 14.07 14.62 3.24
CA SER A 541 15.32 14.67 3.94
C SER A 541 15.03 14.81 5.43
N MET A 542 13.82 15.30 5.74
CA MET A 542 13.40 15.49 7.14
C MET A 542 13.17 14.17 7.86
N GLY A 543 12.89 13.05 7.17
CA GLY A 543 12.48 11.82 7.86
C GLY A 543 11.27 12.02 8.81
N ALA A 544 11.39 11.51 10.04
CA ALA A 544 10.38 11.66 11.06
C ALA A 544 10.89 12.62 12.12
N SER A 545 11.69 13.61 11.73
CA SER A 545 12.36 14.52 12.66
C SER A 545 11.39 15.54 13.24
N LYS A 546 10.32 15.79 12.49
CA LYS A 546 9.21 16.65 12.87
C LYS A 546 7.88 15.95 12.65
N PRO A 547 6.82 16.40 13.33
CA PRO A 547 5.46 15.97 12.99
C PRO A 547 5.20 16.13 11.51
N TRP A 548 4.42 15.22 10.94
CA TRP A 548 4.16 15.23 9.51
C TRP A 548 3.62 16.59 9.03
N PRO A 549 2.82 17.36 9.76
CA PRO A 549 2.38 18.61 9.18
C PRO A 549 3.54 19.50 8.76
N ASP A 550 4.65 19.42 9.49
CA ASP A 550 5.81 20.26 9.19
C ASP A 550 6.54 19.72 7.95
N ALA A 551 6.42 18.43 7.64
CA ALA A 551 7.06 17.86 6.47
C ALA A 551 6.25 18.24 5.25
N LEU A 552 4.93 18.21 5.39
CA LEU A 552 4.11 18.66 4.29
C LEU A 552 4.42 20.13 4.01
N GLU A 553 4.59 20.92 5.04
CA GLU A 553 4.78 22.34 4.83
C GLU A 553 6.11 22.61 4.07
N ALA A 554 7.14 21.78 4.30
CA ALA A 554 8.44 21.83 3.65
C ALA A 554 8.26 21.57 2.18
N PHE A 555 7.26 20.79 1.81
CA PHE A 555 7.01 20.47 0.42
C PHE A 555 6.24 21.59 -0.26
N ASN A 556 5.16 22.06 0.31
CA ASN A 556 4.30 22.91 -0.47
C ASN A 556 3.70 24.04 0.35
N GLY A 557 4.12 24.26 1.62
CA GLY A 557 3.51 25.33 2.45
C GLY A 557 2.20 24.94 3.17
N GLU A 558 1.62 23.77 2.89
CA GLU A 558 0.39 23.41 3.57
C GLU A 558 0.70 22.58 4.81
N ARG A 559 -0.31 22.44 5.68
CA ARG A 559 -0.22 21.68 6.91
C ARG A 559 -1.37 20.69 7.08
N ILE A 560 -2.33 20.66 6.15
CA ILE A 560 -3.53 19.89 6.38
C ILE A 560 -3.64 18.76 5.37
N MET A 561 -3.87 17.53 5.83
CA MET A 561 -4.31 16.49 4.91
C MET A 561 -5.68 16.86 4.33
N SER A 562 -5.78 16.87 2.99
CA SER A 562 -7.01 17.36 2.37
C SER A 562 -7.40 16.55 1.14
N GLY A 563 -8.69 16.37 0.95
CA GLY A 563 -9.22 15.76 -0.27
C GLY A 563 -9.51 16.71 -1.45
N LYS A 564 -9.36 18.03 -1.27
CA LYS A 564 -9.40 18.98 -2.37
C LYS A 564 -8.59 18.51 -3.57
N ALA A 565 -7.32 18.14 -3.40
CA ALA A 565 -6.54 17.84 -4.59
C ALA A 565 -7.08 16.62 -5.37
N ILE A 566 -7.40 15.53 -4.71
CA ILE A 566 -7.86 14.37 -5.49
C ILE A 566 -9.19 14.72 -6.20
N ALA A 567 -10.03 15.59 -5.58
CA ALA A 567 -11.29 15.96 -6.22
C ALA A 567 -11.05 16.82 -7.46
N GLU A 568 -10.13 17.80 -7.31
CA GLU A 568 -9.70 18.65 -8.42
C GLU A 568 -9.22 17.78 -9.58
N TYR A 569 -8.39 16.79 -9.31
CA TYR A 569 -7.95 15.94 -10.38
C TYR A 569 -9.13 15.25 -11.09
N PHE A 570 -10.10 14.71 -10.33
CA PHE A 570 -11.18 13.95 -10.96
C PHE A 570 -12.43 14.78 -11.33
N GLU A 571 -12.47 16.08 -11.00
CA GLU A 571 -13.60 16.96 -11.31
C GLU A 571 -14.08 16.79 -12.75
N PRO A 572 -13.23 16.88 -13.79
CA PRO A 572 -13.70 16.67 -15.14
C PRO A 572 -14.47 15.37 -15.35
N LEU A 573 -14.04 14.29 -14.68
CA LEU A 573 -14.62 12.96 -14.80
C LEU A 573 -16.00 12.97 -14.15
N ARG A 574 -16.09 13.52 -12.94
CA ARG A 574 -17.31 13.53 -12.17
C ARG A 574 -18.43 14.20 -12.97
N VAL A 575 -18.10 15.32 -13.59
CA VAL A 575 -19.08 16.04 -14.34
C VAL A 575 -19.54 15.20 -15.52
N TRP A 576 -18.63 14.64 -16.27
CA TRP A 576 -19.09 13.78 -17.35
C TRP A 576 -19.86 12.57 -16.83
N LEU A 577 -19.46 12.02 -15.68
CA LEU A 577 -19.94 10.70 -15.31
C LEU A 577 -21.36 10.81 -14.74
N GLU A 578 -21.58 11.85 -13.92
CA GLU A 578 -22.88 12.10 -13.36
C GLU A 578 -23.88 12.20 -14.50
N ALA A 579 -23.50 12.93 -15.54
CA ALA A 579 -24.34 13.18 -16.69
C ALA A 579 -24.54 11.87 -17.45
N GLU A 580 -23.50 11.05 -17.59
CA GLU A 580 -23.66 9.83 -18.38
C GLU A 580 -24.57 8.81 -17.66
N ASN A 581 -24.52 8.79 -16.31
CA ASN A 581 -25.32 7.87 -15.51
C ASN A 581 -26.80 8.30 -15.61
N ILE A 582 -27.08 9.59 -15.51
CA ILE A 582 -28.40 10.12 -15.72
C ILE A 582 -28.88 9.86 -17.14
N LYS A 583 -28.03 10.00 -18.13
CA LYS A 583 -28.44 9.77 -19.50
C LYS A 583 -28.87 8.32 -19.68
N ASN A 584 -28.26 7.39 -18.94
CA ASN A 584 -28.55 5.98 -19.18
C ASN A 584 -29.36 5.39 -18.04
N ASN A 585 -29.86 6.28 -17.16
CA ASN A 585 -30.77 5.86 -16.09
C ASN A 585 -30.14 4.77 -15.22
N VAL A 586 -28.90 5.03 -14.81
CA VAL A 586 -28.08 4.03 -14.17
C VAL A 586 -28.43 4.00 -12.70
N HIS A 587 -28.74 2.80 -12.21
CA HIS A 587 -29.06 2.65 -10.80
C HIS A 587 -27.76 2.80 -10.00
N ILE A 588 -27.94 3.59 -8.94
CA ILE A 588 -26.90 3.93 -7.99
C ILE A 588 -27.25 3.39 -6.62
N GLY A 589 -26.25 2.84 -5.87
CA GLY A 589 -26.43 2.22 -4.55
C GLY A 589 -26.66 0.70 -4.70
N TRP A 590 -26.70 0.00 -3.56
CA TRP A 590 -26.88 -1.44 -3.53
C TRP A 590 -27.62 -1.85 -2.26
N THR A 591 -28.34 -2.96 -2.48
CA THR A 591 -28.99 -3.69 -1.41
C THR A 591 -27.92 -4.38 -0.57
N THR A 592 -28.29 -4.77 0.66
CA THR A 592 -27.41 -5.48 1.57
C THR A 592 -27.13 -6.88 1.00
N SER A 593 -25.85 -7.26 1.04
CA SER A 593 -25.41 -8.47 0.43
C SER A 593 -26.04 -9.64 1.16
N ASN A 594 -26.24 -10.78 0.51
CA ASN A 594 -26.78 -11.95 1.19
C ASN A 594 -25.74 -13.09 1.13
N LYS A 595 -24.48 -12.76 0.83
CA LYS A 595 -23.46 -13.75 0.55
C LYS A 595 -22.64 -14.18 1.76
N CYS A 596 -22.94 -13.67 2.96
CA CYS A 596 -22.34 -14.17 4.21
C CYS A 596 -23.46 -14.50 5.21
N VAL A 597 -23.65 -15.80 5.46
CA VAL A 597 -24.71 -16.35 6.31
C VAL A 597 -24.18 -16.43 7.73
N SER A 598 -24.88 -15.85 8.71
CA SER A 598 -24.52 -16.04 10.11
C SER A 598 -25.21 -17.32 10.63
N ILE B 1 10.91 -3.00 6.50
CA ILE B 1 10.40 -3.38 5.15
C ILE B 1 9.13 -2.53 4.87
N TRP B 2 9.03 -2.05 3.60
CA TRP B 2 7.91 -1.23 3.13
C TRP B 2 7.15 -1.86 1.91
N ILE C 1 4.17 -3.00 -2.06
CA ILE C 1 3.00 -2.54 -2.87
C ILE C 1 1.74 -2.78 -2.02
N TRP C 2 0.65 -2.10 -2.36
CA TRP C 2 -0.66 -2.34 -1.73
C TRP C 2 -1.24 -3.75 -2.08
#